data_9D0R
#
_entry.id   9D0R
#
_cell.length_a   69.571
_cell.length_b   69.571
_cell.length_c   157.779
_cell.angle_alpha   90.00
_cell.angle_beta   90.00
_cell.angle_gamma   90.00
#
_symmetry.space_group_name_H-M   'P 41 21 2'
#
loop_
_entity.id
_entity.type
_entity.pdbx_description
1 polymer 'Wee1-like protein kinase'
2 non-polymer 'SODIUM ION'
3 non-polymer 'CHLORIDE ION'
4 non-polymer 7-methyl-2-{[1-(1-methylpiperidin-4-yl)-1H-pyrazol-4-yl]amino}-6-[(1R)-1-(thiophen-2-yl)ethyl]-7H-pyrrolo[2,3-d]pyrimidine-5-carbonitrile
5 water water
#
_entity_poly.entity_id   1
_entity_poly.type   'polypeptide(L)'
_entity_poly.pdbx_seq_one_letter_code
;GAMGMKSRYTTEFHELEKIGSGEFGSVFKCVKRLDGCIYAIKRSKKPLAGSVDEQNALREVYAHAVLGQHSHVVRYFSAW
AEDDHMLIQNEYCNGGSLADAISENYRIMSYFKEAELKDLLLQVGRGLRYIHSMSLVHMDIKPSNIFISRTSIPNAASEE
GDEDDWASNKVMFKIGDLGHVTRISSPQVEEGDSRFLANEVLQENYTHLPKADIFALALTVVCAAGAEPLPRNGDQWHEI
RQGRLPRIPQVLSQEFTELLKVMIHPDPERRPSAMALVKHSVLLSASRK
;
_entity_poly.pdbx_strand_id   A
#
# COMPACT_ATOMS: atom_id res chain seq x y z
N LYS A 6 18.83 28.09 -3.00
CA LYS A 6 17.77 28.98 -3.51
C LYS A 6 16.56 28.21 -4.05
N SER A 7 16.43 26.92 -3.72
CA SER A 7 15.46 26.05 -4.41
C SER A 7 14.01 26.28 -4.00
N ARG A 8 13.09 25.76 -4.83
CA ARG A 8 11.66 25.80 -4.47
C ARG A 8 11.36 25.11 -3.15
N TYR A 9 11.93 23.91 -3.01
CA TYR A 9 11.80 23.13 -1.79
C TYR A 9 12.27 23.87 -0.55
N THR A 10 13.41 24.53 -0.70
CA THR A 10 14.02 25.25 0.39
C THR A 10 13.25 26.51 0.75
N THR A 11 12.69 27.16 -0.26
CA THR A 11 12.11 28.49 -0.04
C THR A 11 10.64 28.43 0.33
N GLU A 12 9.92 27.42 -0.16
CA GLU A 12 8.49 27.40 0.09
C GLU A 12 8.10 26.54 1.27
N PHE A 13 9.01 25.71 1.76
CA PHE A 13 8.70 24.77 2.84
C PHE A 13 9.68 24.94 3.99
N HIS A 14 9.23 24.56 5.17
CA HIS A 14 10.12 24.31 6.30
C HIS A 14 10.06 22.82 6.65
N GLU A 15 11.22 22.16 6.72
CA GLU A 15 11.29 20.76 7.16
C GLU A 15 11.18 20.65 8.68
N LEU A 16 10.31 19.76 9.12
CA LEU A 16 10.08 19.56 10.55
C LEU A 16 10.79 18.30 11.04
N GLU A 17 10.60 17.18 10.36
CA GLU A 17 11.17 15.91 10.80
C GLU A 17 11.31 14.97 9.63
N LYS A 18 12.32 14.11 9.67
CA LYS A 18 12.42 13.05 8.68
C LYS A 18 11.47 11.93 9.04
N ILE A 19 10.78 11.41 8.03
CA ILE A 19 9.78 10.37 8.20
C ILE A 19 10.03 9.18 7.27
N GLY A 20 10.98 9.30 6.34
CA GLY A 20 11.25 8.19 5.44
C GLY A 20 12.64 8.27 4.88
N SER A 21 13.17 7.12 4.47
CA SER A 21 14.49 7.06 3.90
C SER A 21 14.57 5.90 2.94
N GLY A 22 15.13 6.16 1.76
CA GLY A 22 15.33 5.14 0.76
C GLY A 22 16.77 5.08 0.29
N GLU A 23 16.95 4.47 -0.87
CA GLU A 23 18.28 4.32 -1.45
C GLU A 23 18.86 5.64 -1.93
N PHE A 24 18.04 6.38 -2.67
CA PHE A 24 18.46 7.64 -3.26
C PHE A 24 17.58 8.79 -2.85
N GLY A 25 16.73 8.59 -1.85
CA GLY A 25 15.87 9.66 -1.39
C GLY A 25 15.59 9.64 0.10
N SER A 26 14.80 10.62 0.51
CA SER A 26 14.27 10.71 1.86
C SER A 26 12.94 11.42 1.86
N VAL A 27 12.17 11.25 2.92
CA VAL A 27 10.87 11.86 3.06
C VAL A 27 10.87 12.69 4.32
N PHE A 28 10.38 13.92 4.20
CA PHE A 28 10.19 14.80 5.36
C PHE A 28 8.74 15.23 5.51
N LYS A 29 8.35 15.34 6.77
CA LYS A 29 7.20 16.12 7.16
C LYS A 29 7.59 17.60 7.08
N CYS A 30 6.87 18.37 6.28
CA CYS A 30 7.18 19.79 6.05
C CYS A 30 5.94 20.65 6.23
N VAL A 31 6.14 21.88 6.69
CA VAL A 31 5.08 22.90 6.68
C VAL A 31 5.33 23.76 5.47
N LYS A 32 4.29 23.99 4.68
CA LYS A 32 4.40 24.88 3.54
C LYS A 32 4.14 26.29 4.04
N ARG A 33 5.05 27.19 3.68
CA ARG A 33 5.09 28.50 4.32
C ARG A 33 3.88 29.37 4.00
N LEU A 34 3.42 29.35 2.74
CA LEU A 34 2.32 30.24 2.40
C LEU A 34 0.97 29.79 2.94
N ASP A 35 0.70 28.48 2.88
CA ASP A 35 -0.65 28.02 3.24
C ASP A 35 -0.74 27.55 4.69
N GLY A 36 0.40 27.23 5.30
CA GLY A 36 0.38 26.87 6.71
C GLY A 36 0.24 25.40 7.02
N CYS A 37 -0.03 24.59 5.99
CA CYS A 37 -0.36 23.18 6.19
C CYS A 37 0.84 22.25 6.10
N ILE A 38 0.64 21.05 6.64
CA ILE A 38 1.71 20.06 6.72
C ILE A 38 1.55 19.03 5.61
N TYR A 39 2.70 18.65 5.03
CA TYR A 39 2.78 17.75 3.89
C TYR A 39 3.90 16.75 4.09
N ALA A 40 3.78 15.61 3.43
CA ALA A 40 4.88 14.66 3.35
C ALA A 40 5.53 14.83 1.98
N ILE A 41 6.81 15.18 1.99
CA ILE A 41 7.52 15.49 0.76
C ILE A 41 8.66 14.52 0.63
N LYS A 42 8.64 13.74 -0.45
CA LYS A 42 9.75 12.86 -0.77
C LYS A 42 10.65 13.58 -1.76
N ARG A 43 11.94 13.51 -1.50
CA ARG A 43 12.95 14.13 -2.34
C ARG A 43 13.92 13.03 -2.75
N SER A 44 13.97 12.76 -4.04
CA SER A 44 14.71 11.62 -4.58
C SER A 44 15.67 12.10 -5.66
N LYS A 45 16.81 11.43 -5.82
CA LYS A 45 17.74 11.75 -6.91
C LYS A 45 17.09 11.59 -8.28
N LYS A 46 17.26 12.60 -9.11
CA LYS A 46 16.62 12.64 -10.42
C LYS A 46 17.29 11.62 -11.35
N PRO A 47 16.54 10.70 -11.97
CA PRO A 47 17.13 9.69 -12.83
C PRO A 47 17.62 10.29 -14.14
N LEU A 48 18.45 9.50 -14.82
CA LEU A 48 19.06 9.96 -16.06
C LEU A 48 18.04 10.06 -17.18
N ALA A 49 18.18 11.12 -17.96
CA ALA A 49 17.28 11.45 -19.05
C ALA A 49 17.04 10.30 -20.02
N GLY A 50 15.78 9.91 -20.15
CA GLY A 50 15.41 8.94 -21.16
C GLY A 50 15.45 7.50 -20.68
N SER A 51 15.98 7.29 -19.47
CA SER A 51 16.15 5.94 -18.97
C SER A 51 14.82 5.34 -18.55
N VAL A 52 14.82 4.01 -18.49
CA VAL A 52 13.69 3.29 -17.90
C VAL A 52 13.47 3.61 -16.42
N ASP A 53 14.50 4.12 -15.76
CA ASP A 53 14.35 4.66 -14.41
C ASP A 53 13.55 5.94 -14.37
N GLU A 54 13.73 6.77 -15.40
CA GLU A 54 12.93 7.98 -15.50
C GLU A 54 11.47 7.69 -15.78
N GLN A 55 11.24 6.76 -16.71
CA GLN A 55 9.88 6.32 -17.01
C GLN A 55 9.16 5.71 -15.82
N ASN A 56 9.92 4.97 -15.01
CA ASN A 56 9.41 4.43 -13.76
C ASN A 56 9.05 5.53 -12.76
N ALA A 57 9.96 6.48 -12.55
CA ALA A 57 9.68 7.62 -11.66
C ALA A 57 8.50 8.47 -12.10
N LEU A 58 8.35 8.62 -13.40
CA LEU A 58 7.24 9.39 -13.95
C LEU A 58 5.91 8.66 -13.85
N ARG A 59 5.91 7.32 -13.90
CA ARG A 59 4.65 6.59 -13.64
C ARG A 59 4.10 6.84 -12.26
N GLU A 60 4.98 7.04 -11.30
CA GLU A 60 4.56 7.35 -9.96
C GLU A 60 3.90 8.71 -9.89
N VAL A 61 4.48 9.71 -10.56
CA VAL A 61 3.85 11.03 -10.63
C VAL A 61 2.51 10.95 -11.35
N TYR A 62 2.47 10.20 -12.44
CA TYR A 62 1.21 10.06 -13.18
C TYR A 62 0.16 9.30 -12.39
N ALA A 63 0.59 8.29 -11.66
CA ALA A 63 -0.28 7.55 -10.77
C ALA A 63 -0.91 8.42 -9.69
N HIS A 64 -0.09 9.16 -8.93
CA HIS A 64 -0.68 10.05 -7.92
C HIS A 64 -1.63 11.08 -8.46
N ALA A 65 -1.29 11.60 -9.64
CA ALA A 65 -2.08 12.65 -10.23
C ALA A 65 -3.44 12.21 -10.81
N VAL A 66 -3.70 10.90 -10.83
CA VAL A 66 -5.01 10.36 -11.17
C VAL A 66 -5.64 9.65 -9.99
N LEU A 67 -4.82 9.06 -9.13
CA LEU A 67 -5.33 8.22 -8.06
C LEU A 67 -5.65 8.97 -6.77
N GLY A 68 -5.42 10.27 -6.70
CA GLY A 68 -5.49 10.91 -5.40
C GLY A 68 -6.85 11.47 -5.03
N GLN A 69 -7.80 11.51 -5.96
CA GLN A 69 -9.19 11.91 -5.69
C GLN A 69 -9.95 11.08 -4.64
N HIS A 70 -9.43 9.91 -4.28
CA HIS A 70 -10.15 9.01 -3.37
C HIS A 70 -9.73 9.15 -1.91
N SER A 71 -10.69 8.97 -1.01
CA SER A 71 -10.47 9.07 0.44
C SER A 71 -9.52 8.02 1.06
N HIS A 72 -9.26 6.92 0.35
CA HIS A 72 -8.41 5.82 0.81
C HIS A 72 -7.17 5.67 -0.05
N VAL A 73 -6.81 6.73 -0.75
CA VAL A 73 -5.48 6.89 -1.33
C VAL A 73 -4.99 8.25 -0.83
N VAL A 74 -3.72 8.37 -0.43
CA VAL A 74 -3.21 9.71 -0.05
C VAL A 74 -3.37 10.78 -1.15
N ARG A 75 -3.70 12.01 -0.77
CA ARG A 75 -3.82 13.08 -1.77
C ARG A 75 -2.44 13.49 -2.28
N TYR A 76 -2.44 13.93 -3.52
CA TYR A 76 -1.26 14.52 -4.13
C TYR A 76 -1.50 16.00 -4.33
N PHE A 77 -0.44 16.78 -4.12
CA PHE A 77 -0.51 18.22 -4.29
C PHE A 77 0.41 18.69 -5.40
N SER A 78 1.69 18.30 -5.39
CA SER A 78 2.57 18.73 -6.45
C SER A 78 3.78 17.84 -6.59
N ALA A 79 4.39 17.93 -7.78
CA ALA A 79 5.64 17.28 -8.08
C ALA A 79 6.47 18.22 -8.94
N TRP A 80 7.77 18.21 -8.74
CA TRP A 80 8.66 19.10 -9.50
C TRP A 80 10.08 18.55 -9.52
N ALA A 81 10.82 18.93 -10.56
CA ALA A 81 12.23 18.61 -10.60
C ALA A 81 13.04 19.84 -10.25
N GLU A 82 14.02 19.64 -9.39
CA GLU A 82 15.05 20.62 -9.14
C GLU A 82 16.29 20.19 -9.94
N ASP A 83 17.44 20.76 -9.61
CA ASP A 83 18.72 20.49 -10.29
C ASP A 83 19.07 19.02 -10.51
N ASP A 84 19.13 18.30 -9.40
CA ASP A 84 19.46 16.88 -9.41
C ASP A 84 18.43 16.05 -8.68
N HIS A 85 17.28 16.63 -8.38
CA HIS A 85 16.29 16.00 -7.50
C HIS A 85 14.89 16.07 -8.08
N MET A 86 14.12 15.04 -7.81
CA MET A 86 12.68 14.98 -8.09
C MET A 86 11.97 15.03 -6.75
N LEU A 87 10.98 15.91 -6.60
CA LEU A 87 10.19 16.00 -5.39
C LEU A 87 8.73 15.71 -5.64
N ILE A 88 8.10 15.08 -4.65
CA ILE A 88 6.67 14.80 -4.66
C ILE A 88 6.13 15.24 -3.32
N GLN A 89 5.18 16.18 -3.33
CA GLN A 89 4.51 16.67 -2.14
C GLN A 89 3.12 16.06 -2.09
N ASN A 90 2.91 15.26 -1.06
CA ASN A 90 1.64 14.57 -0.82
C ASN A 90 1.06 14.89 0.55
N GLU A 91 -0.17 14.43 0.77
CA GLU A 91 -0.81 14.44 2.08
C GLU A 91 0.05 13.85 3.19
N TYR A 92 0.05 14.50 4.36
CA TYR A 92 0.68 13.92 5.54
C TYR A 92 -0.38 13.26 6.39
N CYS A 93 -0.14 12.01 6.73
CA CYS A 93 -1.02 11.26 7.59
C CYS A 93 -0.42 11.20 8.97
N ASN A 94 -1.17 11.75 9.91
CA ASN A 94 -0.62 12.04 11.23
C ASN A 94 -0.44 10.81 12.11
N GLY A 95 -1.09 9.72 11.75
CA GLY A 95 -1.01 8.50 12.53
C GLY A 95 0.09 7.55 12.08
N GLY A 96 0.84 7.89 11.03
CA GLY A 96 1.99 7.05 10.68
C GLY A 96 1.62 5.90 9.75
N SER A 97 2.55 4.97 9.59
CA SER A 97 2.26 3.77 8.79
C SER A 97 1.56 2.67 9.58
N LEU A 98 0.82 1.82 8.87
CA LEU A 98 0.35 0.56 9.44
C LEU A 98 1.46 -0.35 9.97
N ALA A 99 2.60 -0.39 9.31
CA ALA A 99 3.78 -1.10 9.84
C ALA A 99 4.26 -0.68 11.23
N ASP A 100 4.20 0.61 11.53
CA ASP A 100 4.62 1.06 12.87
C ASP A 100 3.61 0.74 13.95
N ALA A 101 2.33 0.84 13.62
CA ALA A 101 1.29 0.34 14.48
C ALA A 101 1.40 -1.16 14.77
N ILE A 102 1.67 -1.93 13.72
CA ILE A 102 1.89 -3.37 13.87
C ILE A 102 3.08 -3.70 14.75
N SER A 103 4.17 -2.95 14.59
CA SER A 103 5.37 -3.20 15.40
C SER A 103 5.13 -2.94 16.88
N GLU A 104 4.41 -1.86 17.16
CA GLU A 104 4.02 -1.51 18.52
C GLU A 104 3.12 -2.58 19.11
N ASN A 105 2.11 -2.97 18.35
CA ASN A 105 1.20 -4.03 18.75
C ASN A 105 1.88 -5.36 19.06
N TYR A 106 2.91 -5.69 18.27
CA TYR A 106 3.73 -6.87 18.51
C TYR A 106 4.44 -6.85 19.85
N ARG A 107 4.95 -5.68 20.21
CA ARG A 107 5.69 -5.52 21.45
C ARG A 107 4.79 -5.65 22.68
N ILE A 108 3.56 -5.13 22.59
CA ILE A 108 2.68 -5.09 23.74
C ILE A 108 1.71 -6.26 23.81
N MET A 109 1.64 -7.09 22.77
CA MET A 109 0.77 -8.27 22.77
C MET A 109 -0.73 -7.95 22.66
N SER A 110 -1.05 -6.84 22.01
CA SER A 110 -2.43 -6.43 21.77
C SER A 110 -2.52 -6.02 20.32
N TYR A 111 -3.35 -6.70 19.56
CA TYR A 111 -3.36 -6.58 18.11
C TYR A 111 -4.66 -5.94 17.65
N PHE A 112 -4.82 -5.77 16.34
CA PHE A 112 -6.11 -5.33 15.81
C PHE A 112 -7.13 -6.44 15.99
N LYS A 113 -8.30 -6.08 16.52
CA LYS A 113 -9.36 -7.06 16.74
C LYS A 113 -10.16 -7.26 15.46
N GLU A 114 -11.01 -8.28 15.41
CA GLU A 114 -11.74 -8.58 14.19
C GLU A 114 -12.49 -7.41 13.57
N ALA A 115 -13.12 -6.60 14.41
CA ALA A 115 -13.86 -5.46 13.89
C ALA A 115 -12.95 -4.37 13.31
N GLU A 116 -11.76 -4.25 13.85
CA GLU A 116 -10.76 -3.35 13.32
C GLU A 116 -10.05 -3.92 12.08
N LEU A 117 -9.87 -5.24 12.05
CA LEU A 117 -9.35 -5.94 10.88
C LEU A 117 -10.31 -5.89 9.70
N LYS A 118 -11.61 -5.95 9.97
CA LYS A 118 -12.58 -5.84 8.88
C LYS A 118 -12.70 -4.41 8.36
N ASP A 119 -12.53 -3.45 9.26
CA ASP A 119 -12.48 -2.06 8.89
C ASP A 119 -11.23 -1.74 8.04
N LEU A 120 -10.08 -2.29 8.42
CA LEU A 120 -8.87 -2.24 7.59
C LEU A 120 -9.06 -2.86 6.22
N LEU A 121 -9.63 -4.06 6.20
CA LEU A 121 -9.87 -4.77 4.95
C LEU A 121 -10.84 -4.03 4.03
N LEU A 122 -11.91 -3.48 4.61
CA LEU A 122 -12.88 -2.74 3.83
C LEU A 122 -12.35 -1.40 3.30
N GLN A 123 -11.70 -0.61 4.15
CA GLN A 123 -11.15 0.68 3.74
C GLN A 123 -10.10 0.56 2.64
N VAL A 124 -9.10 -0.31 2.86
CA VAL A 124 -8.09 -0.50 1.81
C VAL A 124 -8.69 -1.16 0.57
N GLY A 125 -9.72 -1.99 0.76
CA GLY A 125 -10.45 -2.56 -0.36
C GLY A 125 -11.18 -1.53 -1.20
N ARG A 126 -11.79 -0.54 -0.56
CA ARG A 126 -12.36 0.60 -1.27
C ARG A 126 -11.32 1.43 -2.04
N GLY A 127 -10.12 1.55 -1.47
CA GLY A 127 -9.02 2.19 -2.18
C GLY A 127 -8.56 1.41 -3.41
N LEU A 128 -8.38 0.10 -3.26
CA LEU A 128 -8.08 -0.75 -4.41
C LEU A 128 -9.17 -0.73 -5.48
N ARG A 129 -10.42 -0.65 -5.05
CA ARG A 129 -11.54 -0.59 -5.97
C ARG A 129 -11.50 0.66 -6.84
N TYR A 130 -11.15 1.78 -6.24
CA TYR A 130 -10.90 2.99 -7.02
C TYR A 130 -9.76 2.82 -8.00
N ILE A 131 -8.60 2.39 -7.48
CA ILE A 131 -7.41 2.14 -8.31
C ILE A 131 -7.69 1.24 -9.51
N HIS A 132 -8.39 0.14 -9.26
CA HIS A 132 -8.68 -0.81 -10.32
C HIS A 132 -9.67 -0.26 -11.34
N SER A 133 -10.63 0.53 -10.89
CA SER A 133 -11.55 1.17 -11.84
C SER A 133 -10.93 2.30 -12.65
N MET A 134 -9.79 2.82 -12.18
CA MET A 134 -9.00 3.76 -12.97
C MET A 134 -8.03 3.04 -13.92
N SER A 135 -8.13 1.72 -14.02
CA SER A 135 -7.41 0.94 -15.01
C SER A 135 -5.96 0.68 -14.62
N LEU A 136 -5.70 0.80 -13.32
CA LEU A 136 -4.38 0.69 -12.72
C LEU A 136 -4.38 -0.43 -11.72
N VAL A 137 -3.19 -0.90 -11.39
CA VAL A 137 -2.94 -1.79 -10.27
C VAL A 137 -1.83 -1.20 -9.40
N HIS A 138 -1.76 -1.62 -8.14
CA HIS A 138 -0.80 -1.01 -7.21
C HIS A 138 0.53 -1.77 -7.18
N MET A 139 0.45 -3.09 -7.02
CA MET A 139 1.62 -3.95 -7.10
C MET A 139 2.56 -3.98 -5.90
N ASP A 140 2.27 -3.24 -4.83
CA ASP A 140 3.15 -3.26 -3.66
C ASP A 140 2.39 -3.01 -2.35
N ILE A 141 1.23 -3.64 -2.21
CA ILE A 141 0.46 -3.49 -0.98
C ILE A 141 1.19 -4.20 0.15
N LYS A 142 1.45 -3.44 1.21
CA LYS A 142 2.08 -3.95 2.42
C LYS A 142 1.82 -2.93 3.55
N PRO A 143 1.94 -3.30 4.83
CA PRO A 143 1.75 -2.34 5.93
C PRO A 143 2.58 -1.07 5.90
N SER A 144 3.80 -1.11 5.37
CA SER A 144 4.62 0.11 5.32
C SER A 144 4.20 1.09 4.23
N ASN A 145 3.23 0.70 3.40
CA ASN A 145 2.69 1.55 2.34
C ASN A 145 1.23 1.91 2.56
N ILE A 146 0.73 1.63 3.77
CA ILE A 146 -0.59 2.08 4.18
C ILE A 146 -0.37 3.03 5.34
N PHE A 147 -1.12 4.13 5.33
CA PHE A 147 -0.92 5.23 6.26
C PHE A 147 -2.22 5.52 6.99
N ILE A 148 -2.09 6.08 8.18
CA ILE A 148 -3.19 6.18 9.12
C ILE A 148 -3.48 7.65 9.42
N SER A 149 -4.73 8.05 9.27
CA SER A 149 -5.19 9.37 9.69
C SER A 149 -6.32 9.17 10.70
N ARG A 150 -6.51 10.10 11.63
CA ARG A 150 -7.58 9.93 12.63
C ARG A 150 -8.48 11.17 12.64
N LYS A 170 -12.70 8.49 14.14
CA LYS A 170 -12.39 7.16 13.57
C LYS A 170 -11.08 7.16 12.81
N VAL A 171 -10.50 5.98 12.69
CA VAL A 171 -9.31 5.77 11.90
C VAL A 171 -9.66 5.74 10.41
N MET A 172 -8.77 6.32 9.62
CA MET A 172 -8.82 6.23 8.16
C MET A 172 -7.52 5.62 7.70
N PHE A 173 -7.61 4.57 6.90
CA PHE A 173 -6.45 3.96 6.25
C PHE A 173 -6.36 4.39 4.80
N LYS A 174 -5.16 4.75 4.37
CA LYS A 174 -4.93 5.31 3.03
C LYS A 174 -3.73 4.65 2.41
N ILE A 175 -3.89 4.26 1.16
CA ILE A 175 -2.79 3.69 0.38
C ILE A 175 -1.86 4.81 -0.06
N GLY A 176 -0.58 4.61 0.18
CA GLY A 176 0.47 5.48 -0.38
C GLY A 176 1.51 4.62 -1.05
N ASP A 177 2.59 5.27 -1.46
CA ASP A 177 3.70 4.60 -2.13
C ASP A 177 3.26 3.99 -3.47
N LEU A 178 3.24 4.82 -4.50
CA LEU A 178 2.72 4.42 -5.79
C LEU A 178 3.82 4.07 -6.77
N GLY A 179 4.94 3.57 -6.26
CA GLY A 179 6.11 3.36 -7.10
C GLY A 179 6.16 2.03 -7.84
N HIS A 180 5.12 1.21 -7.70
CA HIS A 180 4.99 -0.02 -8.47
C HIS A 180 3.72 -0.01 -9.30
N VAL A 181 2.98 1.09 -9.27
CA VAL A 181 1.73 1.22 -10.02
C VAL A 181 1.98 1.12 -11.51
N THR A 182 1.10 0.37 -12.17
CA THR A 182 1.14 0.17 -13.59
C THR A 182 -0.29 0.00 -14.07
N ARG A 183 -0.52 0.14 -15.38
CA ARG A 183 -1.84 -0.17 -15.94
C ARG A 183 -2.22 -1.63 -15.80
N ILE A 184 -3.52 -1.86 -15.65
CA ILE A 184 -4.09 -3.16 -15.32
C ILE A 184 -3.73 -4.31 -16.27
N SER A 185 -3.52 -4.01 -17.54
CA SER A 185 -3.18 -5.03 -18.53
C SER A 185 -1.72 -4.89 -18.96
N SER A 186 -0.84 -4.49 -18.05
CA SER A 186 0.56 -4.25 -18.41
C SER A 186 1.32 -5.53 -18.75
N PRO A 187 2.10 -5.55 -19.85
CA PRO A 187 2.95 -6.69 -20.18
C PRO A 187 4.25 -6.76 -19.41
N GLN A 188 4.60 -5.69 -18.72
CA GLN A 188 5.84 -5.57 -17.99
C GLN A 188 5.50 -5.05 -16.60
N VAL A 189 6.01 -5.73 -15.58
CA VAL A 189 5.62 -5.47 -14.20
C VAL A 189 6.88 -5.50 -13.34
N GLU A 190 7.08 -4.46 -12.54
CA GLU A 190 8.07 -4.53 -11.48
C GLU A 190 7.37 -5.05 -10.23
N GLU A 191 7.78 -6.24 -9.79
CA GLU A 191 7.10 -6.89 -8.68
C GLU A 191 7.44 -6.25 -7.34
N GLY A 192 6.48 -6.32 -6.42
CA GLY A 192 6.65 -5.66 -5.14
C GLY A 192 7.31 -6.56 -4.13
N ASP A 193 7.12 -6.22 -2.86
CA ASP A 193 7.71 -6.96 -1.75
C ASP A 193 7.48 -8.47 -1.81
N SER A 194 8.60 -9.18 -1.74
CA SER A 194 8.61 -10.64 -1.73
C SER A 194 7.72 -11.29 -0.68
N ARG A 195 7.62 -10.65 0.48
CA ARG A 195 6.75 -11.12 1.55
C ARG A 195 5.27 -11.15 1.19
N PHE A 196 4.88 -10.32 0.22
CA PHE A 196 3.46 -10.12 -0.11
C PHE A 196 3.14 -10.50 -1.55
N LEU A 197 4.12 -11.08 -2.24
CA LEU A 197 3.99 -11.29 -3.68
C LEU A 197 3.30 -12.61 -3.98
N ALA A 198 2.23 -12.53 -4.76
CA ALA A 198 1.56 -13.73 -5.25
C ALA A 198 2.43 -14.51 -6.25
N ASN A 199 2.22 -15.83 -6.30
CA ASN A 199 3.11 -16.71 -7.09
C ASN A 199 3.00 -16.49 -8.59
N GLU A 200 1.78 -16.31 -9.08
CA GLU A 200 1.56 -16.04 -10.50
C GLU A 200 2.33 -14.84 -11.04
N VAL A 201 2.49 -13.81 -10.22
CA VAL A 201 3.25 -12.63 -10.60
C VAL A 201 4.74 -12.95 -10.64
N LEU A 202 5.21 -13.74 -9.67
CA LEU A 202 6.58 -14.24 -9.69
C LEU A 202 6.90 -15.09 -10.93
N GLN A 203 5.92 -15.85 -11.38
CA GLN A 203 6.08 -16.65 -12.59
C GLN A 203 5.81 -15.88 -13.90
N GLU A 204 5.51 -14.61 -13.79
CA GLU A 204 5.38 -13.72 -14.94
C GLU A 204 4.08 -13.88 -15.72
N ASN A 205 3.07 -14.37 -15.01
CA ASN A 205 1.73 -14.50 -15.56
C ASN A 205 0.97 -13.30 -15.06
N TYR A 206 0.74 -12.36 -15.94
CA TYR A 206 0.21 -11.04 -15.58
C TYR A 206 -1.23 -10.91 -16.06
N THR A 207 -1.90 -12.05 -16.17
CA THR A 207 -3.25 -12.09 -16.71
C THR A 207 -4.30 -11.54 -15.73
N HIS A 208 -3.97 -11.57 -14.44
CA HIS A 208 -4.93 -11.26 -13.39
C HIS A 208 -4.30 -10.31 -12.38
N LEU A 209 -3.66 -9.25 -12.87
CA LEU A 209 -2.94 -8.31 -12.00
C LEU A 209 -3.69 -7.78 -10.77
N PRO A 210 -4.98 -7.37 -10.86
CA PRO A 210 -5.75 -6.94 -9.69
C PRO A 210 -5.77 -7.92 -8.52
N LYS A 211 -5.70 -9.21 -8.84
CA LYS A 211 -5.72 -10.25 -7.83
C LYS A 211 -4.38 -10.41 -7.11
N ALA A 212 -3.33 -9.76 -7.60
CA ALA A 212 -2.09 -9.63 -6.84
C ALA A 212 -2.27 -8.66 -5.68
N ASP A 213 -3.00 -7.58 -5.92
CA ASP A 213 -3.31 -6.61 -4.86
C ASP A 213 -4.20 -7.21 -3.79
N ILE A 214 -5.17 -8.01 -4.21
CA ILE A 214 -6.02 -8.78 -3.28
C ILE A 214 -5.22 -9.78 -2.43
N PHE A 215 -4.31 -10.52 -3.05
CA PHE A 215 -3.44 -11.44 -2.30
C PHE A 215 -2.58 -10.72 -1.26
N ALA A 216 -2.01 -9.58 -1.67
CA ALA A 216 -1.16 -8.81 -0.77
C ALA A 216 -1.94 -8.13 0.35
N LEU A 217 -3.17 -7.69 0.04
CA LEU A 217 -4.06 -7.14 1.06
C LEU A 217 -4.45 -8.16 2.11
N ALA A 218 -4.66 -9.41 1.71
CA ALA A 218 -4.95 -10.46 2.69
C ALA A 218 -3.84 -10.65 3.70
N LEU A 219 -2.63 -10.80 3.19
CA LEU A 219 -1.48 -10.95 4.08
C LEU A 219 -1.14 -9.69 4.87
N THR A 220 -1.52 -8.53 4.36
CA THR A 220 -1.46 -7.29 5.15
C THR A 220 -2.38 -7.36 6.38
N VAL A 221 -3.60 -7.86 6.20
CA VAL A 221 -4.52 -8.05 7.32
C VAL A 221 -4.03 -9.11 8.31
N VAL A 222 -3.39 -10.15 7.79
CA VAL A 222 -2.78 -11.17 8.65
C VAL A 222 -1.68 -10.61 9.54
N CYS A 223 -0.84 -9.74 8.95
CA CYS A 223 0.12 -8.99 9.75
C CYS A 223 -0.49 -8.19 10.87
N ALA A 224 -1.54 -7.45 10.52
CA ALA A 224 -2.27 -6.66 11.50
C ALA A 224 -2.96 -7.48 12.58
N ALA A 225 -3.36 -8.71 12.24
CA ALA A 225 -4.00 -9.61 13.19
C ALA A 225 -3.05 -10.22 14.21
N GLY A 226 -1.75 -9.99 14.01
CA GLY A 226 -0.78 -10.32 15.03
C GLY A 226 0.19 -11.41 14.61
N ALA A 227 0.14 -11.83 13.35
CA ALA A 227 1.05 -12.87 12.86
C ALA A 227 2.52 -12.55 13.06
N GLU A 228 3.35 -13.59 13.05
CA GLU A 228 4.81 -13.41 13.02
C GLU A 228 5.25 -12.75 11.72
N PRO A 229 6.43 -12.12 11.68
CA PRO A 229 7.05 -11.68 10.43
C PRO A 229 7.00 -12.70 9.30
N LEU A 230 6.40 -12.30 8.18
CA LEU A 230 6.21 -13.16 7.03
C LEU A 230 7.54 -13.51 6.38
N PRO A 231 7.65 -14.69 5.76
CA PRO A 231 8.90 -15.12 5.13
C PRO A 231 9.12 -14.42 3.80
N ARG A 232 10.39 -14.15 3.52
CA ARG A 232 10.77 -13.57 2.23
C ARG A 232 10.97 -14.65 1.17
N ASN A 233 11.38 -15.82 1.63
CA ASN A 233 11.71 -16.95 0.79
C ASN A 233 11.70 -18.21 1.62
N GLY A 234 11.62 -19.34 0.93
CA GLY A 234 11.81 -20.62 1.59
C GLY A 234 10.56 -21.46 1.58
N ASP A 235 10.52 -22.41 2.50
CA ASP A 235 9.43 -23.36 2.58
C ASP A 235 8.13 -22.69 2.95
N GLN A 236 8.20 -21.89 4.01
CA GLN A 236 7.03 -21.17 4.52
C GLN A 236 6.44 -20.19 3.52
N TRP A 237 7.30 -19.59 2.70
CA TRP A 237 6.84 -18.78 1.58
C TRP A 237 5.95 -19.58 0.64
N HIS A 238 6.41 -20.78 0.28
CA HIS A 238 5.62 -21.65 -0.58
C HIS A 238 4.37 -22.22 0.06
N GLU A 239 4.45 -22.53 1.35
CA GLU A 239 3.27 -22.91 2.14
C GLU A 239 2.11 -21.94 2.03
N ILE A 240 2.43 -20.66 2.19
CA ILE A 240 1.41 -19.61 2.06
C ILE A 240 0.80 -19.58 0.66
N ARG A 241 1.63 -19.71 -0.37
CA ARG A 241 1.11 -19.64 -1.73
C ARG A 241 0.32 -20.88 -2.16
N GLN A 242 0.28 -21.92 -1.34
CA GLN A 242 -0.71 -22.97 -1.51
C GLN A 242 -2.12 -22.54 -1.10
N GLY A 243 -2.23 -21.43 -0.38
CA GLY A 243 -3.52 -20.99 0.14
C GLY A 243 -3.66 -21.26 1.61
N ARG A 244 -2.54 -21.45 2.31
CA ARG A 244 -2.57 -21.66 3.75
C ARG A 244 -2.32 -20.31 4.44
N LEU A 245 -3.24 -19.89 5.30
CA LEU A 245 -2.98 -18.72 6.14
C LEU A 245 -1.94 -19.03 7.20
N PRO A 246 -0.97 -18.13 7.46
CA PRO A 246 -0.12 -18.20 8.66
C PRO A 246 -0.92 -18.23 9.97
N ARG A 247 -0.24 -18.63 11.03
CA ARG A 247 -0.84 -18.62 12.36
C ARG A 247 -1.18 -17.20 12.82
N ILE A 248 -2.40 -17.02 13.31
CA ILE A 248 -2.87 -15.74 13.85
C ILE A 248 -3.10 -15.93 15.35
N PRO A 249 -2.57 -15.07 16.23
CA PRO A 249 -2.63 -15.26 17.68
C PRO A 249 -3.94 -14.83 18.36
N GLN A 250 -5.06 -15.01 17.69
CA GLN A 250 -6.34 -14.59 18.22
C GLN A 250 -7.45 -15.36 17.53
N VAL A 251 -8.63 -15.34 18.15
CA VAL A 251 -9.77 -16.03 17.58
C VAL A 251 -10.51 -15.09 16.65
N LEU A 252 -10.58 -15.54 15.40
CA LEU A 252 -11.37 -14.86 14.39
C LEU A 252 -12.53 -15.77 14.01
N SER A 253 -13.66 -15.17 13.65
CA SER A 253 -14.75 -15.97 13.09
C SER A 253 -14.36 -16.77 11.85
N GLN A 254 -14.96 -17.94 11.73
CA GLN A 254 -14.71 -18.83 10.61
C GLN A 254 -14.96 -18.21 9.25
N GLU A 255 -16.06 -17.49 9.10
CA GLU A 255 -16.32 -16.79 7.86
C GLU A 255 -15.31 -15.69 7.53
N PHE A 256 -14.77 -15.00 8.54
CA PHE A 256 -13.72 -14.02 8.28
C PHE A 256 -12.43 -14.68 7.89
N THR A 257 -12.09 -15.75 8.59
CA THR A 257 -10.87 -16.51 8.28
C THR A 257 -10.92 -17.14 6.89
N GLU A 258 -12.11 -17.55 6.47
CA GLU A 258 -12.29 -18.13 5.16
C GLU A 258 -12.26 -17.09 4.06
N LEU A 259 -12.68 -15.85 4.36
CA LEU A 259 -12.53 -14.72 3.42
C LEU A 259 -11.06 -14.44 3.16
N LEU A 260 -10.28 -14.36 4.23
CA LEU A 260 -8.83 -14.23 4.10
C LEU A 260 -8.17 -15.39 3.34
N LYS A 261 -8.61 -16.62 3.61
CA LYS A 261 -8.03 -17.78 2.95
C LYS A 261 -8.29 -17.82 1.45
N VAL A 262 -9.52 -17.49 1.04
CA VAL A 262 -9.80 -17.45 -0.39
C VAL A 262 -9.12 -16.27 -1.07
N MET A 263 -8.84 -15.21 -0.32
CA MET A 263 -8.05 -14.11 -0.85
C MET A 263 -6.59 -14.47 -1.14
N ILE A 264 -6.09 -15.56 -0.55
CA ILE A 264 -4.79 -16.11 -0.93
C ILE A 264 -4.91 -17.42 -1.70
N HIS A 265 -6.03 -17.66 -2.38
CA HIS A 265 -6.16 -18.89 -3.19
C HIS A 265 -5.10 -18.95 -4.30
N PRO A 266 -4.45 -20.10 -4.57
CA PRO A 266 -3.51 -20.22 -5.69
C PRO A 266 -4.02 -19.96 -7.09
N ASP A 267 -5.32 -20.09 -7.31
CA ASP A 267 -5.92 -19.59 -8.53
C ASP A 267 -6.35 -18.15 -8.25
N PRO A 268 -5.80 -17.15 -8.96
CA PRO A 268 -6.23 -15.77 -8.78
C PRO A 268 -7.66 -15.49 -9.16
N GLU A 269 -8.24 -16.29 -10.03
CA GLU A 269 -9.65 -16.12 -10.40
C GLU A 269 -10.62 -16.52 -9.28
N ARG A 270 -10.14 -17.36 -8.36
CA ARG A 270 -10.91 -17.71 -7.17
C ARG A 270 -10.88 -16.64 -6.09
N ARG A 271 -9.89 -15.75 -6.15
CA ARG A 271 -9.83 -14.66 -5.19
C ARG A 271 -10.86 -13.60 -5.57
N PRO A 272 -11.51 -12.93 -4.61
CA PRO A 272 -12.49 -11.90 -4.94
C PRO A 272 -11.86 -10.65 -5.56
N SER A 273 -12.61 -10.00 -6.43
CA SER A 273 -12.24 -8.65 -6.88
C SER A 273 -12.42 -7.61 -5.77
N ALA A 274 -11.91 -6.41 -5.99
CA ALA A 274 -12.07 -5.36 -4.99
C ALA A 274 -13.52 -4.91 -4.83
N MET A 275 -14.27 -4.91 -5.92
CA MET A 275 -15.71 -4.70 -5.81
C MET A 275 -16.44 -5.81 -5.06
N ALA A 276 -16.05 -7.06 -5.29
CA ALA A 276 -16.69 -8.16 -4.60
C ALA A 276 -16.33 -8.18 -3.11
N LEU A 277 -15.10 -7.79 -2.80
CA LEU A 277 -14.62 -7.61 -1.45
C LEU A 277 -15.41 -6.56 -0.68
N VAL A 278 -15.60 -5.37 -1.26
CA VAL A 278 -16.33 -4.34 -0.50
C VAL A 278 -17.83 -4.63 -0.35
N LYS A 279 -18.37 -5.46 -1.25
CA LYS A 279 -19.77 -5.90 -1.15
C LYS A 279 -19.93 -7.19 -0.36
N HIS A 280 -18.84 -7.72 0.21
CA HIS A 280 -18.91 -9.01 0.88
C HIS A 280 -19.73 -8.94 2.16
N SER A 281 -20.52 -9.97 2.38
CA SER A 281 -21.38 -10.14 3.56
C SER A 281 -20.65 -10.04 4.89
N VAL A 282 -19.47 -10.64 4.93
CA VAL A 282 -18.58 -10.58 6.08
C VAL A 282 -18.16 -9.16 6.48
N LEU A 283 -18.15 -8.27 5.50
CA LEU A 283 -17.73 -6.89 5.66
C LEU A 283 -18.89 -5.93 5.77
N LEU A 284 -20.11 -6.46 5.71
CA LEU A 284 -21.32 -5.65 5.83
C LEU A 284 -21.44 -4.95 7.19
N SER A 285 -20.99 -5.62 8.25
CA SER A 285 -20.89 -5.05 9.58
C SER A 285 -19.94 -3.86 9.71
N ALA A 286 -18.92 -3.81 8.84
CA ALA A 286 -17.92 -2.77 8.90
C ALA A 286 -18.28 -1.53 8.08
N SER A 287 -19.37 -1.61 7.33
CA SER A 287 -19.72 -0.58 6.37
C SER A 287 -20.29 0.64 7.08
N ARG A 288 -19.62 1.78 6.90
CA ARG A 288 -19.98 2.99 7.65
C ARG A 288 -21.04 3.79 6.86
#